data_5WV8
#
_entry.id   5WV8
#
_cell.length_a   72.100
_cell.length_b   72.100
_cell.length_c   192.997
_cell.angle_alpha   90.00
_cell.angle_beta   90.00
_cell.angle_gamma   90.00
#
_symmetry.space_group_name_H-M   'P 41 21 2'
#
loop_
_entity.id
_entity.type
_entity.pdbx_description
1 polymer Chitinase
2 water water
#
_entity_poly.entity_id   1
_entity_poly.type   'polypeptide(L)'
_entity_poly.pdbx_seq_one_letter_code
;MWPPRLLSCIFTIILIVAVIAPTSDSTTVRRRLRKPSKSVSVTSSVSRSTDQVISASVNRPKIRGRPSVASRKSSAALDN
SVGTDDHKDKDGYKIVCYYTNWSQYRTKIGKFMPEDIQPELCTHIIFAFGWLKKGKLSSFESNDETKDGKTGLYDRINAL
KKANPKLKTLLAIGGWSFGTQKFKEMSATRYARQTFIYSAIPYLRDRNFDGLDIDWLYPKGGDDKKNYVLLLKELREAFE
AEAQEVKKPRLLLTAAVPVGPDNIKSGYDVPAVASYLDFINLMAYDFHGKWERETGHNAPLYAPSSDSEWRKQLSVDHAA
HLWVKLGAPKEKLIIGMPTYGRTFTLSNPNNFKVNSPASGGGKAGEYTKESGFLAYYEVCEILRNGGAYVWDDEMKVPYA
IHGDQWVGFDDEKSIRNKMRWIKDNSFGGAMVWTVDMDDFSGGVCGGNVKYPLIGAMREELRGISRGKDAKDVDWASVAA
SV
;
_entity_poly.pdbx_strand_id   A
#
# COMPACT_ATOMS: atom_id res chain seq x y z
N ASP A 91 -17.90 0.85 10.90
CA ASP A 91 -18.23 -0.40 10.22
C ASP A 91 -18.16 -0.24 8.70
N GLY A 92 -18.64 -1.24 7.98
CA GLY A 92 -18.58 -1.22 6.53
C GLY A 92 -17.19 -1.53 6.01
N TYR A 93 -16.92 -1.15 4.76
CA TYR A 93 -15.62 -1.40 4.16
C TYR A 93 -14.59 -0.41 4.65
N LYS A 94 -13.37 -0.89 4.85
CA LYS A 94 -12.28 -0.02 5.28
C LYS A 94 -11.58 0.63 4.08
N ILE A 95 -11.05 1.83 4.31
CA ILE A 95 -10.16 2.49 3.37
C ILE A 95 -8.88 2.77 4.14
N VAL A 96 -7.88 1.94 3.93
CA VAL A 96 -6.66 2.00 4.72
C VAL A 96 -5.54 2.67 3.92
N CYS A 97 -5.15 3.87 4.33
CA CYS A 97 -4.17 4.65 3.58
C CYS A 97 -2.78 4.69 4.22
N TYR A 98 -1.76 4.30 3.47
CA TYR A 98 -0.39 4.46 3.92
C TYR A 98 0.09 5.86 3.61
N TYR A 99 0.61 6.53 4.63
CA TYR A 99 1.33 7.79 4.46
C TYR A 99 2.81 7.52 4.63
N THR A 100 3.63 8.01 3.70
CA THR A 100 5.08 7.77 3.80
C THR A 100 5.82 9.04 4.18
N ASN A 101 6.66 8.97 5.20
CA ASN A 101 7.26 10.19 5.73
C ASN A 101 8.31 10.78 4.78
N TRP A 102 8.83 9.99 3.85
CA TRP A 102 9.82 10.54 2.93
C TRP A 102 9.19 11.35 1.79
N SER A 103 7.86 11.34 1.71
CA SER A 103 7.17 12.18 0.72
C SER A 103 7.36 13.67 1.04
N GLN A 104 7.76 13.97 2.28
CA GLN A 104 8.03 15.35 2.70
C GLN A 104 9.19 15.99 1.93
N TYR A 105 10.06 15.17 1.34
CA TYR A 105 11.27 15.67 0.67
C TYR A 105 11.10 15.88 -0.83
N ARG A 106 9.94 15.53 -1.36
CA ARG A 106 9.71 15.69 -2.79
C ARG A 106 9.54 17.17 -3.13
N THR A 107 9.77 17.53 -4.37
CA THR A 107 9.84 18.92 -4.78
C THR A 107 8.73 19.36 -5.73
N LYS A 108 8.31 20.60 -5.65
CA LYS A 108 7.28 21.11 -6.56
C LYS A 108 6.09 20.18 -6.40
N ILE A 109 5.36 19.90 -7.47
CA ILE A 109 4.05 19.31 -7.41
C ILE A 109 4.03 18.07 -6.55
N GLY A 110 5.19 17.44 -6.41
CA GLY A 110 5.34 16.22 -5.64
C GLY A 110 5.31 16.43 -4.14
N LYS A 111 5.59 17.65 -3.70
CA LYS A 111 5.71 17.95 -2.28
C LYS A 111 4.42 17.68 -1.51
N PHE A 112 4.51 16.83 -0.49
CA PHE A 112 3.36 16.37 0.25
C PHE A 112 3.60 16.53 1.75
N MET A 113 2.59 17.01 2.47
CA MET A 113 2.64 17.09 3.92
C MET A 113 1.36 16.52 4.53
N PRO A 114 1.38 16.19 5.84
CA PRO A 114 0.20 15.60 6.48
C PRO A 114 -1.09 16.38 6.25
N GLU A 115 -1.01 17.71 6.18
CA GLU A 115 -2.21 18.54 6.05
C GLU A 115 -2.83 18.44 4.66
N ASP A 116 -2.14 17.77 3.73
CA ASP A 116 -2.68 17.52 2.40
C ASP A 116 -3.68 16.37 2.41
N ILE A 117 -3.74 15.65 3.52
CA ILE A 117 -4.70 14.56 3.68
C ILE A 117 -6.03 15.11 4.20
N GLN A 118 -7.12 14.83 3.48
CA GLN A 118 -8.45 15.17 3.98
C GLN A 118 -8.83 14.19 5.09
N PRO A 119 -9.22 14.70 6.26
CA PRO A 119 -9.51 13.87 7.44
C PRO A 119 -10.55 12.79 7.18
N GLU A 120 -11.44 13.02 6.21
CA GLU A 120 -12.53 12.10 5.93
C GLU A 120 -12.23 11.18 4.75
N LEU A 121 -11.04 11.29 4.18
CA LEU A 121 -10.69 10.49 3.01
C LEU A 121 -10.59 9.00 3.34
N CYS A 122 -9.89 8.68 4.41
CA CYS A 122 -9.62 7.28 4.79
C CYS A 122 -10.29 6.91 6.11
N THR A 123 -10.49 5.62 6.34
CA THR A 123 -10.97 5.17 7.65
C THR A 123 -9.79 4.92 8.60
N HIS A 124 -8.65 4.55 8.01
CA HIS A 124 -7.40 4.33 8.74
C HIS A 124 -6.24 4.97 8.00
N ILE A 125 -5.34 5.61 8.74
CA ILE A 125 -4.07 6.06 8.16
C ILE A 125 -2.92 5.32 8.83
N ILE A 126 -2.05 4.72 8.02
CA ILE A 126 -0.88 4.03 8.56
C ILE A 126 0.37 4.86 8.25
N PHE A 127 1.12 5.18 9.29
CA PHE A 127 2.34 5.98 9.19
C PHE A 127 3.53 5.09 8.88
N ALA A 128 4.10 5.24 7.68
CA ALA A 128 5.30 4.51 7.30
C ALA A 128 6.50 5.45 7.32
N PHE A 129 7.48 5.20 8.18
CA PHE A 129 7.51 4.08 9.13
C PHE A 129 8.05 4.55 10.47
N GLY A 130 7.90 3.70 11.48
CA GLY A 130 8.70 3.81 12.68
C GLY A 130 10.02 3.09 12.43
N TRP A 131 10.72 2.70 13.50
CA TRP A 131 12.01 2.04 13.32
C TRP A 131 12.32 1.20 14.56
N LEU A 132 13.47 0.53 14.54
CA LEU A 132 13.90 -0.27 15.67
C LEU A 132 15.31 0.12 16.07
N LYS A 133 15.51 0.38 17.35
CA LYS A 133 16.84 0.66 17.87
C LYS A 133 17.00 -0.01 19.23
N LYS A 134 18.07 -0.79 19.37
CA LYS A 134 18.34 -1.54 20.60
C LYS A 134 17.14 -2.41 20.97
N GLY A 135 16.53 -3.02 19.95
CA GLY A 135 15.43 -3.95 20.14
C GLY A 135 14.11 -3.31 20.50
N LYS A 136 14.03 -1.97 20.41
CA LYS A 136 12.81 -1.28 20.82
C LYS A 136 12.25 -0.37 19.73
N LEU A 137 10.92 -0.24 19.71
CA LEU A 137 10.25 0.64 18.76
C LEU A 137 10.76 2.06 18.90
N SER A 138 11.17 2.68 17.79
CA SER A 138 11.76 4.00 17.83
C SER A 138 11.44 4.81 16.58
N SER A 139 12.04 6.00 16.49
CA SER A 139 11.75 6.91 15.38
C SER A 139 12.66 6.68 14.18
N PHE A 140 12.06 6.81 13.00
CA PHE A 140 12.77 6.70 11.73
C PHE A 140 13.73 7.88 11.53
N GLU A 141 13.33 9.05 12.01
CA GLU A 141 14.06 10.30 11.75
C GLU A 141 13.57 11.31 12.79
N SER A 142 14.44 12.22 13.21
CA SER A 142 14.12 13.07 14.35
C SER A 142 12.91 13.98 14.10
N ASN A 143 12.66 14.34 12.85
CA ASN A 143 11.55 15.26 12.58
C ASN A 143 10.17 14.57 12.52
N ASP A 144 10.15 13.28 12.70
CA ASP A 144 8.94 12.59 13.03
C ASP A 144 8.43 12.96 14.43
N GLU A 145 9.35 13.14 15.36
CA GLU A 145 9.04 13.46 16.74
C GLU A 145 8.71 14.93 16.95
N THR A 146 7.99 15.24 18.00
CA THR A 146 7.84 16.62 18.39
C THR A 146 8.94 16.98 19.42
N LYS A 147 9.72 18.00 19.14
CA LYS A 147 10.76 18.45 20.06
C LYS A 147 10.93 19.95 20.09
N ASP A 148 11.37 20.48 21.22
CA ASP A 148 11.58 21.90 21.34
C ASP A 148 10.25 22.41 20.86
N GLY A 149 10.21 23.51 20.14
CA GLY A 149 8.95 24.13 19.81
C GLY A 149 8.19 23.50 18.66
N LYS A 150 8.79 22.52 18.02
CA LYS A 150 8.41 22.18 16.69
C LYS A 150 7.62 20.88 16.58
N THR A 151 6.40 20.99 16.07
CA THR A 151 5.55 19.84 15.92
C THR A 151 6.12 18.90 14.89
N GLY A 152 6.21 17.64 15.23
CA GLY A 152 6.65 16.62 14.32
C GLY A 152 5.61 16.03 13.40
N LEU A 153 6.05 15.20 12.48
CA LEU A 153 5.15 14.53 11.55
C LEU A 153 4.13 13.62 12.25
N TYR A 154 4.52 12.91 13.29
CA TYR A 154 3.56 12.07 14.04
C TYR A 154 2.34 12.89 14.44
N ASP A 155 2.60 14.01 15.11
CA ASP A 155 1.52 14.83 15.63
C ASP A 155 0.69 15.46 14.50
N ARG A 156 1.34 15.85 13.42
CA ARG A 156 0.62 16.47 12.30
C ARG A 156 -0.30 15.45 11.62
N ILE A 157 0.11 14.18 11.59
CA ILE A 157 -0.76 13.14 11.07
C ILE A 157 -1.91 12.88 12.05
N ASN A 158 -1.59 12.75 13.33
CA ASN A 158 -2.61 12.43 14.32
C ASN A 158 -3.55 13.62 14.58
N ALA A 159 -3.12 14.82 14.21
CA ALA A 159 -3.97 16.01 14.30
C ALA A 159 -5.21 15.89 13.41
N LEU A 160 -5.14 15.02 12.39
CA LEU A 160 -6.28 14.80 11.50
C LEU A 160 -7.50 14.23 12.26
N LYS A 161 -7.25 13.59 13.39
CA LYS A 161 -8.31 12.97 14.18
C LYS A 161 -9.15 14.00 14.95
N LYS A 162 -8.65 15.22 15.10
CA LYS A 162 -9.45 16.28 15.71
C LYS A 162 -10.63 16.64 14.82
N ALA A 163 -10.40 16.69 13.51
CA ALA A 163 -11.44 17.01 12.55
C ALA A 163 -12.32 15.81 12.25
N ASN A 164 -11.76 14.60 12.37
CA ASN A 164 -12.52 13.38 12.17
C ASN A 164 -12.22 12.37 13.26
N PRO A 165 -12.99 12.42 14.36
CA PRO A 165 -12.79 11.59 15.55
C PRO A 165 -12.97 10.08 15.30
N LYS A 166 -13.57 9.71 14.17
CA LYS A 166 -13.70 8.30 13.83
C LYS A 166 -12.44 7.74 13.17
N LEU A 167 -11.57 8.63 12.69
CA LEU A 167 -10.34 8.21 12.03
C LEU A 167 -9.41 7.46 12.97
N LYS A 168 -8.83 6.35 12.50
CA LYS A 168 -7.85 5.61 13.29
C LYS A 168 -6.47 5.73 12.65
N THR A 169 -5.44 5.83 13.49
CA THR A 169 -4.08 5.87 12.98
C THR A 169 -3.27 4.73 13.54
N LEU A 170 -2.36 4.21 12.71
CA LEU A 170 -1.43 3.19 13.13
C LEU A 170 -0.01 3.56 12.68
N LEU A 171 0.96 3.09 13.44
CA LEU A 171 2.37 3.23 13.09
C LEU A 171 2.88 1.91 12.51
N ALA A 172 3.47 1.95 11.33
CA ALA A 172 4.03 0.73 10.73
C ALA A 172 5.51 0.60 11.09
N ILE A 173 5.95 -0.63 11.36
CA ILE A 173 7.38 -0.92 11.50
C ILE A 173 7.78 -1.95 10.45
N GLY A 174 8.89 -1.69 9.76
CA GLY A 174 9.37 -2.56 8.70
C GLY A 174 9.49 -1.84 7.38
N GLY A 175 9.19 -2.54 6.29
CA GLY A 175 9.35 -2.01 4.96
C GLY A 175 10.67 -2.44 4.35
N TRP A 176 10.96 -1.97 3.14
CA TRP A 176 12.12 -2.46 2.40
C TRP A 176 13.46 -1.97 2.97
N SER A 177 13.55 -0.71 3.35
CA SER A 177 14.78 -0.17 3.94
C SER A 177 15.14 -0.93 5.23
N PHE A 178 14.12 -1.26 6.02
CA PHE A 178 14.30 -1.92 7.30
C PHE A 178 14.97 -3.29 7.18
N GLY A 179 14.61 -4.04 6.13
CA GLY A 179 15.21 -5.33 5.89
C GLY A 179 14.65 -6.41 6.79
N THR A 180 15.37 -7.52 6.91
CA THR A 180 14.84 -8.69 7.62
C THR A 180 15.61 -9.03 8.88
N GLN A 181 16.90 -8.71 8.90
CA GLN A 181 17.76 -9.15 10.01
C GLN A 181 17.25 -8.63 11.34
N LYS A 182 16.82 -7.37 11.37
CA LYS A 182 16.34 -6.79 12.62
C LYS A 182 15.06 -7.49 13.09
N PHE A 183 14.21 -7.94 12.16
CA PHE A 183 13.02 -8.70 12.54
C PHE A 183 13.38 -10.09 13.04
N LYS A 184 14.35 -10.72 12.38
CA LYS A 184 14.84 -12.03 12.80
C LYS A 184 15.32 -12.02 14.24
N GLU A 185 16.11 -11.02 14.59
CA GLU A 185 16.69 -10.95 15.92
C GLU A 185 15.64 -10.58 16.97
N MET A 186 14.73 -9.70 16.60
CA MET A 186 13.71 -9.29 17.56
C MET A 186 12.70 -10.40 17.85
N SER A 187 12.48 -11.29 16.88
CA SER A 187 11.45 -12.32 17.02
C SER A 187 12.01 -13.66 17.51
N ALA A 188 13.33 -13.78 17.58
CA ALA A 188 13.97 -15.09 17.75
C ALA A 188 13.82 -15.67 19.16
N THR A 189 13.71 -14.81 20.16
CA THR A 189 13.54 -15.28 21.54
C THR A 189 12.40 -14.54 22.22
N ARG A 190 11.85 -15.18 23.24
CA ARG A 190 10.78 -14.57 24.01
C ARG A 190 11.27 -13.27 24.67
N TYR A 191 12.50 -13.27 25.19
CA TYR A 191 13.03 -12.05 25.80
C TYR A 191 13.09 -10.90 24.79
N ALA A 192 13.58 -11.17 23.58
CA ALA A 192 13.68 -10.13 22.56
C ALA A 192 12.28 -9.65 22.13
N ARG A 193 11.35 -10.58 22.02
CA ARG A 193 9.98 -10.23 21.62
C ARG A 193 9.30 -9.38 22.70
N GLN A 194 9.41 -9.79 23.95
CA GLN A 194 8.78 -9.06 25.05
C GLN A 194 9.40 -7.68 25.20
N THR A 195 10.72 -7.60 24.97
CA THR A 195 11.43 -6.32 25.00
C THR A 195 10.83 -5.36 23.98
N PHE A 196 10.61 -5.84 22.76
CA PHE A 196 9.97 -5.02 21.74
C PHE A 196 8.55 -4.63 22.13
N ILE A 197 7.77 -5.61 22.59
CA ILE A 197 6.36 -5.41 22.88
C ILE A 197 6.13 -4.37 23.97
N TYR A 198 6.88 -4.45 25.07
CA TYR A 198 6.69 -3.52 26.16
C TYR A 198 7.34 -2.17 25.89
N SER A 199 8.13 -2.10 24.82
CA SER A 199 8.59 -0.80 24.30
C SER A 199 7.53 -0.21 23.37
N ALA A 200 6.79 -1.08 22.69
CA ALA A 200 5.86 -0.64 21.65
C ALA A 200 4.62 -0.01 22.25
N ILE A 201 4.09 -0.58 23.32
CA ILE A 201 2.85 -0.08 23.90
C ILE A 201 2.96 1.38 24.37
N PRO A 202 3.96 1.70 25.23
CA PRO A 202 3.99 3.12 25.60
C PRO A 202 4.40 4.03 24.44
N TYR A 203 5.22 3.55 23.50
CA TYR A 203 5.61 4.35 22.36
C TYR A 203 4.38 4.84 21.59
N LEU A 204 3.46 3.92 21.34
CA LEU A 204 2.24 4.22 20.61
C LEU A 204 1.28 5.09 21.43
N ARG A 205 1.05 4.70 22.69
CA ARG A 205 0.13 5.44 23.56
C ARG A 205 0.59 6.89 23.80
N ASP A 206 1.89 7.09 24.01
CA ASP A 206 2.43 8.43 24.25
C ASP A 206 2.30 9.34 23.03
N ARG A 207 2.16 8.74 21.85
CA ARG A 207 2.06 9.51 20.61
C ARG A 207 0.69 9.42 19.95
N ASN A 208 -0.30 8.94 20.69
CA ASN A 208 -1.70 8.93 20.23
C ASN A 208 -1.89 8.15 18.93
N PHE A 209 -1.18 7.02 18.81
CA PHE A 209 -1.45 6.05 17.75
C PHE A 209 -2.47 5.02 18.25
N ASP A 210 -3.32 4.54 17.34
CA ASP A 210 -4.37 3.58 17.70
C ASP A 210 -3.96 2.14 17.43
N GLY A 211 -2.74 1.93 16.93
CA GLY A 211 -2.31 0.58 16.63
C GLY A 211 -0.95 0.45 15.98
N LEU A 212 -0.57 -0.79 15.70
CA LEU A 212 0.73 -1.12 15.14
C LEU A 212 0.56 -2.01 13.91
N ASP A 213 1.25 -1.65 12.84
CA ASP A 213 1.24 -2.41 11.59
C ASP A 213 2.62 -3.06 11.40
N ILE A 214 2.65 -4.39 11.22
CA ILE A 214 3.92 -5.10 11.05
C ILE A 214 4.23 -5.34 9.58
N ASP A 215 5.34 -4.79 9.11
CA ASP A 215 5.71 -4.88 7.70
C ASP A 215 7.06 -5.57 7.51
N TRP A 216 7.13 -6.82 7.95
CA TRP A 216 8.32 -7.65 7.79
C TRP A 216 8.32 -8.24 6.39
N LEU A 217 9.31 -7.84 5.58
CA LEU A 217 9.35 -8.24 4.18
C LEU A 217 10.58 -9.06 3.79
N TYR A 218 10.57 -10.37 3.95
CA TYR A 218 9.46 -11.15 4.54
C TYR A 218 10.04 -12.19 5.48
N PRO A 219 9.23 -12.68 6.43
CA PRO A 219 9.67 -13.89 7.14
C PRO A 219 9.89 -14.99 6.12
N LYS A 220 10.96 -15.77 6.30
CA LYS A 220 11.31 -16.80 5.33
C LYS A 220 11.97 -18.01 6.01
N GLY A 221 11.46 -19.20 5.72
CA GLY A 221 11.99 -20.41 6.32
C GLY A 221 11.26 -20.78 7.60
N GLY A 222 11.52 -21.98 8.11
CA GLY A 222 10.78 -22.53 9.23
C GLY A 222 10.92 -21.79 10.55
N ASP A 223 12.10 -21.24 10.83
CA ASP A 223 12.28 -20.50 12.08
C ASP A 223 11.47 -19.21 12.07
N ASP A 224 11.62 -18.43 11.00
CA ASP A 224 10.85 -17.18 10.82
C ASP A 224 9.35 -17.44 10.86
N LYS A 225 8.91 -18.50 10.19
CA LYS A 225 7.49 -18.84 10.12
C LYS A 225 6.90 -19.03 11.52
N LYS A 226 7.56 -19.81 12.37
CA LYS A 226 7.13 -19.96 13.76
C LYS A 226 7.28 -18.69 14.58
N ASN A 227 8.43 -18.03 14.47
CA ASN A 227 8.72 -16.87 15.32
C ASN A 227 7.84 -15.64 15.00
N TYR A 228 7.44 -15.53 13.74
CA TYR A 228 6.53 -14.46 13.31
C TYR A 228 5.16 -14.63 13.98
N VAL A 229 4.64 -15.85 13.99
CA VAL A 229 3.41 -16.16 14.71
C VAL A 229 3.55 -15.85 16.19
N LEU A 230 4.67 -16.25 16.79
CA LEU A 230 4.90 -15.99 18.21
C LEU A 230 4.92 -14.48 18.48
N LEU A 231 5.53 -13.72 17.58
CA LEU A 231 5.55 -12.27 17.72
C LEU A 231 4.12 -11.68 17.69
N LEU A 232 3.31 -12.08 16.69
CA LEU A 232 1.95 -11.56 16.59
C LEU A 232 1.10 -12.00 17.76
N LYS A 233 1.28 -13.25 18.19
CA LYS A 233 0.51 -13.80 19.29
C LYS A 233 0.76 -13.02 20.58
N GLU A 234 2.02 -12.78 20.88
CA GLU A 234 2.41 -12.10 22.10
C GLU A 234 2.10 -10.60 22.05
N LEU A 235 2.15 -10.03 20.85
CA LEU A 235 1.67 -8.65 20.66
C LEU A 235 0.17 -8.54 20.96
N ARG A 236 -0.61 -9.41 20.36
CA ARG A 236 -2.06 -9.35 20.50
C ARG A 236 -2.44 -9.57 21.98
N GLU A 237 -1.83 -10.58 22.56
CA GLU A 237 -1.93 -10.90 23.99
C GLU A 237 -1.72 -9.67 24.87
N ALA A 238 -0.62 -8.96 24.63
CA ALA A 238 -0.26 -7.82 25.46
C ALA A 238 -1.17 -6.63 25.21
N PHE A 239 -1.57 -6.44 23.95
CA PHE A 239 -2.53 -5.38 23.62
C PHE A 239 -3.86 -5.62 24.33
N GLU A 240 -4.31 -6.87 24.33
CA GLU A 240 -5.57 -7.24 24.99
C GLU A 240 -5.50 -6.95 26.50
N ALA A 241 -4.39 -7.29 27.13
CA ALA A 241 -4.24 -7.06 28.56
C ALA A 241 -4.18 -5.57 28.88
N GLU A 242 -3.41 -4.81 28.09
CA GLU A 242 -3.26 -3.38 28.33
C GLU A 242 -4.62 -2.65 28.29
N ALA A 243 -5.43 -2.98 27.28
CA ALA A 243 -6.71 -2.31 27.07
C ALA A 243 -7.57 -2.39 28.32
N GLN A 244 -7.55 -3.56 28.95
CA GLN A 244 -8.39 -3.81 30.11
C GLN A 244 -7.86 -3.06 31.33
N GLU A 245 -6.54 -2.91 31.41
CA GLU A 245 -5.92 -2.25 32.54
C GLU A 245 -6.04 -0.73 32.46
N VAL A 246 -5.97 -0.18 31.25
CA VAL A 246 -6.04 1.28 31.11
C VAL A 246 -7.44 1.77 30.77
N LYS A 247 -8.34 0.83 30.48
CA LYS A 247 -9.73 1.17 30.12
C LYS A 247 -9.77 2.17 28.97
N LYS A 248 -9.06 1.82 27.89
CA LYS A 248 -9.12 2.52 26.63
C LYS A 248 -9.36 1.48 25.53
N PRO A 249 -9.87 1.90 24.36
CA PRO A 249 -10.02 0.95 23.26
C PRO A 249 -8.68 0.28 22.92
N ARG A 250 -8.73 -1.02 22.65
CA ARG A 250 -7.52 -1.81 22.44
C ARG A 250 -6.72 -1.34 21.22
N LEU A 251 -5.39 -1.27 21.38
CA LEU A 251 -4.49 -1.03 20.26
C LEU A 251 -4.71 -2.07 19.16
N LEU A 252 -4.83 -1.60 17.92
CA LEU A 252 -4.99 -2.49 16.78
C LEU A 252 -3.67 -3.14 16.37
N LEU A 253 -3.74 -4.38 15.89
CA LEU A 253 -2.56 -5.03 15.35
C LEU A 253 -2.84 -5.50 13.93
N THR A 254 -2.06 -5.01 12.97
CA THR A 254 -2.25 -5.39 11.57
C THR A 254 -0.90 -5.76 10.96
N ALA A 255 -0.92 -6.26 9.74
CA ALA A 255 0.31 -6.55 9.02
C ALA A 255 0.12 -6.40 7.52
N ALA A 256 1.19 -5.99 6.84
CA ALA A 256 1.23 -6.00 5.38
C ALA A 256 1.84 -7.30 4.92
N VAL A 257 1.17 -8.01 4.02
CA VAL A 257 1.59 -9.36 3.63
C VAL A 257 1.66 -9.52 2.10
N PRO A 258 2.52 -10.44 1.62
CA PRO A 258 2.81 -10.64 0.20
C PRO A 258 1.77 -11.39 -0.61
N VAL A 259 1.90 -11.29 -1.93
CA VAL A 259 0.97 -11.92 -2.85
C VAL A 259 1.59 -13.11 -3.56
N GLY A 260 2.91 -13.23 -3.50
CA GLY A 260 3.61 -14.33 -4.14
C GLY A 260 3.45 -15.65 -3.40
N PRO A 261 2.95 -16.69 -4.10
CA PRO A 261 2.69 -18.01 -3.50
C PRO A 261 3.88 -18.61 -2.75
N ASP A 262 5.09 -18.48 -3.30
CA ASP A 262 6.29 -18.99 -2.66
C ASP A 262 6.61 -18.23 -1.37
N ASN A 263 6.51 -16.90 -1.42
CA ASN A 263 6.71 -16.06 -0.25
C ASN A 263 5.71 -16.40 0.85
N ILE A 264 4.46 -16.61 0.43
CA ILE A 264 3.41 -16.95 1.38
C ILE A 264 3.67 -18.30 2.05
N LYS A 265 4.03 -19.29 1.25
CA LYS A 265 4.27 -20.63 1.77
C LYS A 265 5.48 -20.66 2.73
N SER A 266 6.55 -19.98 2.36
CA SER A 266 7.78 -19.99 3.15
C SER A 266 7.62 -19.32 4.52
N GLY A 267 6.87 -18.22 4.57
CA GLY A 267 6.88 -17.40 5.76
C GLY A 267 5.64 -17.30 6.61
N TYR A 268 4.50 -17.78 6.10
CA TYR A 268 3.22 -17.45 6.71
C TYR A 268 2.39 -18.65 7.11
N ASP A 269 2.27 -18.83 8.41
CA ASP A 269 1.32 -19.77 9.00
C ASP A 269 -0.02 -19.05 9.01
N VAL A 270 -0.71 -19.09 7.88
CA VAL A 270 -1.84 -18.19 7.64
C VAL A 270 -2.97 -18.26 8.68
N PRO A 271 -3.42 -19.47 9.07
CA PRO A 271 -4.54 -19.46 10.02
C PRO A 271 -4.18 -18.80 11.35
N ALA A 272 -2.95 -19.01 11.81
CA ALA A 272 -2.51 -18.42 13.08
C ALA A 272 -2.27 -16.92 12.90
N VAL A 273 -1.63 -16.55 11.80
CA VAL A 273 -1.38 -15.14 11.51
C VAL A 273 -2.70 -14.36 11.50
N ALA A 274 -3.68 -14.88 10.76
CA ALA A 274 -4.97 -14.20 10.63
C ALA A 274 -5.70 -14.09 11.98
N SER A 275 -5.58 -15.10 12.83
CA SER A 275 -6.26 -15.09 14.11
C SER A 275 -5.81 -13.94 15.01
N TYR A 276 -4.52 -13.61 14.96
CA TYR A 276 -3.97 -12.65 15.91
C TYR A 276 -4.05 -11.22 15.38
N LEU A 277 -4.26 -11.08 14.08
CA LEU A 277 -4.35 -9.76 13.47
C LEU A 277 -5.79 -9.26 13.47
N ASP A 278 -5.95 -7.96 13.66
CA ASP A 278 -7.25 -7.33 13.47
C ASP A 278 -7.65 -7.32 12.02
N PHE A 279 -6.74 -6.90 11.15
CA PHE A 279 -6.92 -7.11 9.73
C PHE A 279 -5.58 -7.19 9.01
N ILE A 280 -5.67 -7.52 7.73
CA ILE A 280 -4.53 -7.92 6.93
C ILE A 280 -4.44 -7.06 5.68
N ASN A 281 -3.33 -6.32 5.55
CA ASN A 281 -3.12 -5.47 4.39
C ASN A 281 -2.40 -6.24 3.30
N LEU A 282 -3.16 -6.73 2.33
CA LEU A 282 -2.59 -7.51 1.23
C LEU A 282 -1.88 -6.62 0.23
N MET A 283 -0.57 -6.84 0.06
CA MET A 283 0.24 -6.00 -0.81
C MET A 283 0.01 -6.35 -2.28
N ALA A 284 -1.18 -6.03 -2.77
CA ALA A 284 -1.61 -6.47 -4.10
C ALA A 284 -1.07 -5.56 -5.21
N TYR A 285 0.26 -5.51 -5.30
CA TYR A 285 0.98 -4.74 -6.31
C TYR A 285 2.41 -5.27 -6.41
N ASP A 286 3.23 -4.65 -7.26
CA ASP A 286 4.56 -5.17 -7.57
C ASP A 286 4.53 -6.61 -8.07
N PHE A 287 3.47 -6.96 -8.79
CA PHE A 287 3.39 -8.29 -9.39
C PHE A 287 4.44 -8.46 -10.48
N HIS A 288 4.79 -7.34 -11.12
CA HIS A 288 5.79 -7.33 -12.19
C HIS A 288 6.55 -6.03 -12.15
N GLY A 289 7.75 -6.03 -12.72
CA GLY A 289 8.59 -4.84 -12.73
C GLY A 289 9.92 -5.09 -13.39
N LYS A 290 10.82 -4.12 -13.29
CA LYS A 290 12.09 -4.12 -14.04
C LYS A 290 13.01 -5.31 -13.74
N TRP A 291 12.73 -6.05 -12.68
CA TRP A 291 13.50 -7.25 -12.38
C TRP A 291 13.19 -8.38 -13.38
N GLU A 292 12.23 -8.17 -14.26
CA GLU A 292 11.87 -9.15 -15.28
C GLU A 292 12.21 -8.65 -16.68
N ARG A 293 12.39 -9.58 -17.63
CA ARG A 293 12.90 -9.21 -18.95
C ARG A 293 11.81 -8.86 -19.96
N GLU A 294 10.55 -8.92 -19.55
CA GLU A 294 9.44 -8.51 -20.40
C GLU A 294 8.50 -7.59 -19.62
N THR A 295 7.71 -6.80 -20.34
CA THR A 295 6.75 -5.92 -19.68
C THR A 295 5.68 -6.77 -18.98
N GLY A 296 5.21 -6.27 -17.83
CA GLY A 296 4.15 -6.92 -17.09
C GLY A 296 3.53 -5.86 -16.21
N HIS A 297 2.26 -6.04 -15.84
CA HIS A 297 1.57 -4.99 -15.11
C HIS A 297 1.82 -5.03 -13.61
N ASN A 298 1.91 -3.84 -13.01
CA ASN A 298 2.17 -3.70 -11.58
C ASN A 298 1.14 -4.46 -10.73
N ALA A 299 -0.12 -4.40 -11.16
CA ALA A 299 -1.21 -4.99 -10.37
C ALA A 299 -2.40 -5.40 -11.24
N PRO A 300 -2.23 -6.47 -12.03
CA PRO A 300 -3.35 -6.92 -12.86
C PRO A 300 -4.40 -7.61 -11.99
N LEU A 301 -5.67 -7.32 -12.23
CA LEU A 301 -6.73 -8.02 -11.51
C LEU A 301 -6.73 -9.48 -11.91
N TYR A 302 -6.66 -9.75 -13.21
CA TYR A 302 -6.55 -11.11 -13.72
C TYR A 302 -5.30 -11.20 -14.58
N ALA A 303 -4.67 -12.38 -14.61
CA ALA A 303 -3.46 -12.56 -15.38
C ALA A 303 -3.77 -12.65 -16.87
N PRO A 304 -2.92 -12.05 -17.70
CA PRO A 304 -3.11 -12.11 -19.17
C PRO A 304 -3.01 -13.54 -19.68
N SER A 305 -3.65 -13.83 -20.81
CA SER A 305 -3.59 -15.16 -21.40
C SER A 305 -2.20 -15.52 -21.91
N SER A 306 -1.39 -14.50 -22.21
CA SER A 306 -0.02 -14.72 -22.69
C SER A 306 0.92 -15.03 -21.54
N ASP A 307 0.36 -15.29 -20.37
CA ASP A 307 1.12 -15.65 -19.18
C ASP A 307 1.38 -17.15 -19.17
N SER A 308 2.61 -17.52 -18.81
CA SER A 308 2.95 -18.94 -18.61
C SER A 308 2.10 -19.46 -17.47
N GLU A 309 2.11 -20.75 -17.20
CA GLU A 309 1.15 -21.21 -16.23
C GLU A 309 1.60 -21.09 -14.77
N TRP A 310 2.90 -20.91 -14.56
CA TRP A 310 3.38 -20.53 -13.25
C TRP A 310 2.93 -19.13 -12.96
N ARG A 311 3.07 -18.24 -13.95
CA ARG A 311 2.94 -16.82 -13.72
C ARG A 311 1.47 -16.34 -13.70
N LYS A 312 0.52 -17.20 -14.07
CA LYS A 312 -0.87 -16.75 -13.99
C LYS A 312 -1.31 -16.74 -12.53
N GLN A 313 -0.45 -17.25 -11.66
CA GLN A 313 -0.65 -17.14 -10.23
C GLN A 313 -0.51 -15.69 -9.80
N LEU A 314 0.14 -14.90 -10.64
CA LEU A 314 0.43 -13.52 -10.32
C LEU A 314 -0.68 -12.59 -10.77
N SER A 315 -1.74 -12.51 -9.95
CA SER A 315 -2.81 -11.55 -10.15
C SER A 315 -3.43 -11.24 -8.80
N VAL A 316 -4.08 -10.09 -8.71
CA VAL A 316 -4.78 -9.68 -7.51
C VAL A 316 -5.85 -10.72 -7.16
N ASP A 317 -6.57 -11.17 -8.17
CA ASP A 317 -7.65 -12.14 -7.95
C ASP A 317 -7.12 -13.44 -7.38
N HIS A 318 -6.03 -13.95 -7.95
CA HIS A 318 -5.49 -15.21 -7.48
C HIS A 318 -4.89 -15.08 -6.07
N ALA A 319 -4.18 -13.98 -5.82
CA ALA A 319 -3.56 -13.77 -4.52
C ALA A 319 -4.57 -13.67 -3.38
N ALA A 320 -5.61 -12.86 -3.56
CA ALA A 320 -6.62 -12.70 -2.53
C ALA A 320 -7.31 -14.02 -2.20
N HIS A 321 -7.62 -14.80 -3.23
CA HIS A 321 -8.32 -16.07 -3.01
C HIS A 321 -7.40 -17.12 -2.41
N LEU A 322 -6.11 -17.03 -2.72
CA LEU A 322 -5.14 -17.91 -2.10
C LEU A 322 -5.12 -17.73 -0.58
N TRP A 323 -5.12 -16.48 -0.12
CA TRP A 323 -5.14 -16.20 1.31
C TRP A 323 -6.41 -16.76 1.97
N VAL A 324 -7.54 -16.67 1.28
CA VAL A 324 -8.78 -17.24 1.79
C VAL A 324 -8.65 -18.75 1.92
N LYS A 325 -8.19 -19.39 0.85
CA LYS A 325 -7.98 -20.82 0.84
C LYS A 325 -7.09 -21.28 1.99
N LEU A 326 -6.11 -20.45 2.36
CA LEU A 326 -5.15 -20.84 3.38
C LEU A 326 -5.67 -20.54 4.79
N GLY A 327 -6.86 -19.96 4.88
CA GLY A 327 -7.53 -19.79 6.16
C GLY A 327 -7.70 -18.37 6.69
N ALA A 328 -7.45 -17.38 5.86
CA ALA A 328 -7.74 -16.00 6.25
C ALA A 328 -9.22 -15.68 6.01
N PRO A 329 -9.90 -15.10 7.03
CA PRO A 329 -11.27 -14.64 6.83
C PRO A 329 -11.34 -13.55 5.75
N LYS A 330 -12.32 -13.64 4.86
CA LYS A 330 -12.44 -12.69 3.76
C LYS A 330 -12.50 -11.25 4.25
N GLU A 331 -13.24 -11.03 5.32
CA GLU A 331 -13.47 -9.67 5.79
C GLU A 331 -12.24 -9.06 6.45
N LYS A 332 -11.25 -9.88 6.78
CA LYS A 332 -9.99 -9.36 7.33
C LYS A 332 -9.00 -9.00 6.22
N LEU A 333 -9.31 -9.39 4.99
CA LEU A 333 -8.42 -9.10 3.87
C LEU A 333 -8.72 -7.74 3.28
N ILE A 334 -7.78 -6.82 3.46
CA ILE A 334 -7.90 -5.47 2.92
C ILE A 334 -6.98 -5.39 1.70
N ILE A 335 -7.57 -5.21 0.53
CA ILE A 335 -6.79 -5.43 -0.69
C ILE A 335 -6.06 -4.17 -1.13
N GLY A 336 -4.74 -4.28 -1.23
CA GLY A 336 -3.91 -3.16 -1.61
C GLY A 336 -4.21 -2.63 -3.00
N MET A 337 -4.10 -1.31 -3.14
CA MET A 337 -4.28 -0.60 -4.40
C MET A 337 -3.13 0.39 -4.58
N PRO A 338 -2.41 0.28 -5.69
CA PRO A 338 -1.26 1.16 -5.95
C PRO A 338 -1.62 2.48 -6.64
N THR A 339 -1.20 3.59 -6.05
CA THR A 339 -1.27 4.87 -6.72
C THR A 339 0.06 5.13 -7.44
N TYR A 340 0.62 4.06 -7.98
CA TYR A 340 1.87 4.16 -8.72
C TYR A 340 1.87 3.10 -9.80
N GLY A 341 2.83 3.20 -10.72
CA GLY A 341 2.99 2.20 -11.75
C GLY A 341 4.42 1.71 -11.81
N ARG A 342 4.64 0.57 -12.46
CA ARG A 342 5.98 0.05 -12.70
C ARG A 342 6.31 0.18 -14.18
N THR A 343 7.50 0.69 -14.47
CA THR A 343 7.87 1.06 -15.83
C THR A 343 8.96 0.19 -16.45
N PHE A 344 8.94 0.15 -17.76
CA PHE A 344 9.93 -0.58 -18.54
C PHE A 344 10.43 0.30 -19.69
N THR A 345 11.64 0.01 -20.15
CA THR A 345 12.08 0.50 -21.46
C THR A 345 11.95 -0.64 -22.46
N LEU A 346 11.14 -0.42 -23.49
CA LEU A 346 10.92 -1.44 -24.52
C LEU A 346 12.17 -1.66 -25.36
N SER A 347 12.51 -2.92 -25.62
CA SER A 347 13.63 -3.24 -26.52
C SER A 347 13.33 -2.75 -27.94
N ASN A 348 12.04 -2.70 -28.27
CA ASN A 348 11.58 -2.20 -29.57
C ASN A 348 10.24 -1.50 -29.39
N PRO A 349 10.18 -0.19 -29.66
CA PRO A 349 8.98 0.61 -29.43
C PRO A 349 7.75 0.13 -30.22
N ASN A 350 7.97 -0.71 -31.23
CA ASN A 350 6.87 -1.24 -32.03
C ASN A 350 6.20 -2.45 -31.38
N ASN A 351 6.93 -3.10 -30.49
CA ASN A 351 6.38 -4.22 -29.72
C ASN A 351 6.07 -3.75 -28.30
N PHE A 352 4.87 -3.26 -28.10
CA PHE A 352 4.51 -2.53 -26.89
C PHE A 352 3.38 -3.16 -26.07
N LYS A 353 2.98 -4.38 -26.41
CA LYS A 353 1.89 -5.00 -25.66
C LYS A 353 2.46 -5.65 -24.40
N VAL A 354 1.57 -6.14 -23.53
CA VAL A 354 2.01 -6.79 -22.31
C VAL A 354 2.84 -8.01 -22.71
N ASN A 355 3.83 -8.34 -21.89
CA ASN A 355 4.80 -9.41 -22.19
C ASN A 355 5.63 -9.16 -23.44
N SER A 356 5.98 -7.88 -23.68
CA SER A 356 6.92 -7.53 -24.74
C SER A 356 8.34 -7.41 -24.19
N PRO A 357 9.35 -7.78 -25.01
CA PRO A 357 10.74 -7.68 -24.53
C PRO A 357 11.12 -6.29 -24.04
N ALA A 358 11.81 -6.24 -22.91
CA ALA A 358 12.28 -4.99 -22.34
C ALA A 358 13.77 -5.05 -22.09
N SER A 359 14.42 -3.90 -22.11
CA SER A 359 15.85 -3.82 -21.89
C SER A 359 16.18 -3.44 -20.46
N GLY A 360 15.14 -3.06 -19.70
CA GLY A 360 15.31 -2.67 -18.32
C GLY A 360 14.18 -1.78 -17.86
N GLY A 361 14.39 -1.08 -16.75
CA GLY A 361 13.38 -0.22 -16.19
C GLY A 361 13.15 1.02 -17.02
N GLY A 362 11.96 1.61 -16.88
CA GLY A 362 11.67 2.88 -17.50
C GLY A 362 12.51 3.97 -16.86
N LYS A 363 12.70 5.07 -17.58
CA LYS A 363 13.46 6.20 -17.05
C LYS A 363 12.75 6.81 -15.85
N ALA A 364 13.54 7.32 -14.91
CA ALA A 364 13.01 7.84 -13.65
C ALA A 364 12.18 9.09 -13.87
N GLY A 365 11.13 9.24 -13.06
CA GLY A 365 10.32 10.44 -13.08
C GLY A 365 10.99 11.57 -12.30
N GLU A 366 10.57 12.79 -12.57
CA GLU A 366 11.17 13.97 -11.97
C GLU A 366 11.01 14.02 -10.46
N TYR A 367 9.89 13.48 -9.98
CA TYR A 367 9.52 13.66 -8.57
C TYR A 367 9.81 12.46 -7.70
N THR A 368 9.70 11.25 -8.26
CA THR A 368 9.95 10.07 -7.45
C THR A 368 11.38 9.57 -7.67
N LYS A 369 12.00 10.02 -8.76
CA LYS A 369 13.43 9.82 -9.01
C LYS A 369 13.89 8.39 -8.85
N GLU A 370 13.12 7.46 -9.39
CA GLU A 370 13.42 6.03 -9.29
C GLU A 370 13.09 5.29 -10.57
N SER A 371 14.11 4.80 -11.26
CA SER A 371 13.89 4.10 -12.52
C SER A 371 13.08 2.83 -12.25
N GLY A 372 12.12 2.54 -13.13
CA GLY A 372 11.25 1.40 -12.94
C GLY A 372 9.97 1.74 -12.20
N PHE A 373 9.83 3.01 -11.81
CA PHE A 373 8.78 3.44 -10.89
C PHE A 373 8.24 4.80 -11.30
N LEU A 374 6.92 4.99 -11.20
CA LEU A 374 6.32 6.32 -11.35
C LEU A 374 5.09 6.50 -10.45
N ALA A 375 4.93 7.67 -9.87
CA ALA A 375 3.69 7.96 -9.14
C ALA A 375 2.55 8.11 -10.13
N TYR A 376 1.31 7.96 -9.66
CA TYR A 376 0.15 8.11 -10.54
C TYR A 376 0.14 9.48 -11.23
N TYR A 377 0.48 10.54 -10.49
CA TYR A 377 0.46 11.87 -11.08
C TYR A 377 1.60 12.08 -12.08
N GLU A 378 2.64 11.26 -12.01
CA GLU A 378 3.68 11.30 -13.04
C GLU A 378 3.19 10.59 -14.31
N VAL A 379 2.40 9.54 -14.15
CA VAL A 379 1.79 8.87 -15.30
C VAL A 379 0.81 9.81 -15.99
N CYS A 380 0.05 10.56 -15.19
CA CYS A 380 -0.88 11.55 -15.71
C CYS A 380 -0.18 12.57 -16.62
N GLU A 381 0.99 13.03 -16.21
CA GLU A 381 1.75 13.99 -17.01
C GLU A 381 2.09 13.41 -18.38
N ILE A 382 2.46 12.14 -18.41
CA ILE A 382 2.77 11.45 -19.65
C ILE A 382 1.56 11.37 -20.58
N LEU A 383 0.42 11.01 -20.00
CA LEU A 383 -0.83 10.85 -20.76
C LEU A 383 -1.33 12.17 -21.28
N ARG A 384 -0.99 13.25 -20.59
CA ARG A 384 -1.42 14.60 -20.97
CA ARG A 384 -1.44 14.57 -21.03
C ARG A 384 -0.40 15.28 -21.90
N ASN A 385 0.68 14.56 -22.24
CA ASN A 385 1.70 15.12 -23.11
C ASN A 385 2.17 14.16 -24.20
N GLY A 386 1.21 13.51 -24.86
CA GLY A 386 1.52 12.71 -26.03
C GLY A 386 1.48 11.21 -25.82
N GLY A 387 1.39 10.77 -24.58
CA GLY A 387 1.38 9.34 -24.30
C GLY A 387 0.14 8.64 -24.80
N ALA A 388 0.30 7.40 -25.22
CA ALA A 388 -0.83 6.57 -25.66
C ALA A 388 -1.35 5.72 -24.50
N TYR A 389 -2.66 5.49 -24.50
CA TYR A 389 -3.33 4.73 -23.44
C TYR A 389 -3.90 3.41 -23.99
N VAL A 390 -3.62 2.31 -23.31
CA VAL A 390 -4.21 1.02 -23.66
C VAL A 390 -4.97 0.44 -22.47
N TRP A 391 -6.23 0.06 -22.70
CA TRP A 391 -6.97 -0.70 -21.70
C TRP A 391 -6.89 -2.18 -22.05
N ASP A 392 -6.35 -2.98 -21.14
CA ASP A 392 -6.31 -4.42 -21.32
C ASP A 392 -7.54 -5.06 -20.69
N ASP A 393 -8.44 -5.57 -21.52
CA ASP A 393 -9.71 -6.09 -21.00
C ASP A 393 -9.56 -7.48 -20.42
N GLU A 394 -8.40 -8.11 -20.59
CA GLU A 394 -8.12 -9.36 -19.89
C GLU A 394 -7.75 -9.08 -18.44
N MET A 395 -6.82 -8.15 -18.23
CA MET A 395 -6.29 -7.86 -16.90
C MET A 395 -7.11 -6.83 -16.15
N LYS A 396 -8.00 -6.14 -16.88
CA LYS A 396 -8.84 -5.09 -16.33
C LYS A 396 -8.01 -3.97 -15.72
N VAL A 397 -6.90 -3.65 -16.38
CA VAL A 397 -6.03 -2.55 -15.97
C VAL A 397 -5.41 -1.88 -17.19
N PRO A 398 -5.02 -0.61 -17.08
CA PRO A 398 -4.41 0.08 -18.22
C PRO A 398 -2.88 0.06 -18.22
N TYR A 399 -2.31 0.32 -19.39
CA TYR A 399 -0.92 0.73 -19.45
C TYR A 399 -0.75 1.85 -20.47
N ALA A 400 0.33 2.61 -20.30
CA ALA A 400 0.62 3.76 -21.15
C ALA A 400 1.96 3.58 -21.83
N ILE A 401 2.04 4.05 -23.08
CA ILE A 401 3.25 3.99 -23.88
C ILE A 401 3.63 5.39 -24.40
N HIS A 402 4.91 5.75 -24.27
CA HIS A 402 5.43 6.95 -24.89
C HIS A 402 6.82 6.66 -25.42
N GLY A 403 6.94 6.51 -26.73
CA GLY A 403 8.20 6.08 -27.32
C GLY A 403 8.51 4.66 -26.89
N ASP A 404 9.69 4.43 -26.33
CA ASP A 404 10.03 3.10 -25.85
C ASP A 404 9.79 2.99 -24.33
N GLN A 405 9.05 3.95 -23.80
CA GLN A 405 8.69 3.97 -22.38
C GLN A 405 7.30 3.36 -22.16
N TRP A 406 7.24 2.35 -21.29
CA TRP A 406 6.04 1.56 -21.02
C TRP A 406 5.73 1.58 -19.52
N VAL A 407 4.49 1.91 -19.14
CA VAL A 407 4.13 1.94 -17.73
C VAL A 407 2.77 1.27 -17.46
N GLY A 408 2.78 0.25 -16.60
CA GLY A 408 1.55 -0.39 -16.17
C GLY A 408 1.12 0.27 -14.87
N PHE A 409 -0.10 0.79 -14.84
CA PHE A 409 -0.57 1.56 -13.71
C PHE A 409 -2.05 1.32 -13.47
N ASP A 410 -2.59 1.94 -12.42
CA ASP A 410 -4.03 1.89 -12.17
C ASP A 410 -4.65 3.26 -12.33
N ASP A 411 -5.81 3.32 -12.98
CA ASP A 411 -6.52 4.58 -13.15
C ASP A 411 -7.91 4.51 -12.50
N GLU A 412 -8.72 5.55 -12.67
CA GLU A 412 -10.04 5.56 -12.06
C GLU A 412 -10.87 4.37 -12.52
N LYS A 413 -10.74 4.01 -13.79
CA LYS A 413 -11.48 2.89 -14.36
C LYS A 413 -11.10 1.55 -13.72
N SER A 414 -9.80 1.28 -13.63
CA SER A 414 -9.37 -0.01 -13.08
C SER A 414 -9.61 -0.05 -11.58
N ILE A 415 -9.48 1.09 -10.92
CA ILE A 415 -9.74 1.16 -9.49
C ILE A 415 -11.21 0.88 -9.16
N ARG A 416 -12.13 1.49 -9.89
CA ARG A 416 -13.56 1.26 -9.68
C ARG A 416 -13.95 -0.20 -9.92
N ASN A 417 -13.40 -0.80 -10.98
CA ASN A 417 -13.65 -2.21 -11.26
C ASN A 417 -13.10 -3.09 -10.13
N LYS A 418 -11.96 -2.71 -9.58
CA LYS A 418 -11.39 -3.44 -8.45
C LYS A 418 -12.27 -3.30 -7.20
N MET A 419 -12.86 -2.13 -7.00
CA MET A 419 -13.78 -1.94 -5.88
C MET A 419 -15.02 -2.83 -6.02
N ARG A 420 -15.49 -3.00 -7.24
CA ARG A 420 -16.63 -3.88 -7.49
C ARG A 420 -16.25 -5.33 -7.20
N TRP A 421 -15.02 -5.69 -7.53
CA TRP A 421 -14.52 -7.03 -7.27
C TRP A 421 -14.34 -7.27 -5.78
N ILE A 422 -13.98 -6.23 -5.03
CA ILE A 422 -13.87 -6.32 -3.58
C ILE A 422 -15.23 -6.67 -2.97
N LYS A 423 -16.24 -5.92 -3.39
CA LYS A 423 -17.60 -6.12 -2.90
C LYS A 423 -18.15 -7.47 -3.31
N ASP A 424 -17.98 -7.82 -4.58
CA ASP A 424 -18.45 -9.12 -5.09
C ASP A 424 -17.86 -10.30 -4.34
N ASN A 425 -16.66 -10.13 -3.81
CA ASN A 425 -15.98 -11.22 -3.12
C ASN A 425 -16.01 -11.10 -1.60
N SER A 426 -16.67 -10.04 -1.12
CA SER A 426 -16.83 -9.77 0.32
C SER A 426 -15.52 -9.60 1.08
N PHE A 427 -14.54 -8.94 0.46
CA PHE A 427 -13.29 -8.67 1.16
C PHE A 427 -13.51 -7.46 2.07
N GLY A 428 -12.55 -7.17 2.93
CA GLY A 428 -12.78 -6.22 4.00
C GLY A 428 -12.68 -4.75 3.64
N GLY A 429 -12.10 -4.45 2.48
CA GLY A 429 -11.93 -3.06 2.09
C GLY A 429 -10.72 -2.90 1.18
N ALA A 430 -10.33 -1.65 0.97
CA ALA A 430 -9.17 -1.33 0.15
C ALA A 430 -8.06 -0.71 0.99
N MET A 431 -6.82 -1.09 0.67
CA MET A 431 -5.63 -0.48 1.22
C MET A 431 -4.95 0.30 0.09
N VAL A 432 -4.30 1.42 0.42
CA VAL A 432 -3.68 2.26 -0.61
C VAL A 432 -2.20 2.50 -0.37
N TRP A 433 -1.37 2.19 -1.37
CA TRP A 433 0.03 2.59 -1.35
C TRP A 433 0.30 3.51 -2.54
N THR A 434 0.30 4.83 -2.37
CA THR A 434 0.15 5.55 -1.11
C THR A 434 -0.85 6.70 -1.24
N VAL A 435 -1.11 7.39 -0.13
CA VAL A 435 -1.95 8.58 -0.16
C VAL A 435 -1.19 9.73 -0.82
N ASP A 436 0.14 9.70 -0.75
CA ASP A 436 0.94 10.81 -1.28
C ASP A 436 1.26 10.71 -2.77
N MET A 437 0.83 9.63 -3.44
CA MET A 437 1.06 9.55 -4.89
C MET A 437 -0.22 9.55 -5.73
N ASP A 438 -1.36 9.66 -5.07
CA ASP A 438 -2.61 10.02 -5.77
C ASP A 438 -2.47 11.47 -6.28
N ASP A 439 -3.38 11.93 -7.14
CA ASP A 439 -3.37 13.34 -7.53
C ASP A 439 -3.96 14.16 -6.38
N PHE A 440 -3.19 14.32 -5.31
CA PHE A 440 -3.70 14.89 -4.08
C PHE A 440 -4.03 16.38 -4.20
N SER A 441 -3.38 17.09 -5.11
CA SER A 441 -3.67 18.51 -5.29
C SER A 441 -4.88 18.71 -6.19
N GLY A 442 -5.22 17.69 -6.97
CA GLY A 442 -6.34 17.77 -7.88
C GLY A 442 -6.03 18.54 -9.15
N GLY A 443 -4.78 18.95 -9.31
CA GLY A 443 -4.41 19.83 -10.42
C GLY A 443 -3.55 19.23 -11.50
N VAL A 444 -3.23 17.94 -11.39
CA VAL A 444 -2.28 17.35 -12.34
C VAL A 444 -2.95 16.53 -13.45
N CYS A 445 -3.96 15.73 -13.11
CA CYS A 445 -4.51 14.79 -14.09
C CYS A 445 -5.60 15.37 -15.00
N GLY A 446 -6.12 16.53 -14.66
CA GLY A 446 -7.01 17.25 -15.56
C GLY A 446 -8.49 17.23 -15.19
N GLY A 447 -8.86 16.42 -14.21
CA GLY A 447 -10.26 16.27 -13.85
C GLY A 447 -10.68 17.24 -12.77
N ASN A 448 -9.70 17.97 -12.23
CA ASN A 448 -9.89 18.91 -11.14
C ASN A 448 -10.62 18.32 -9.93
N VAL A 449 -10.17 17.14 -9.52
CA VAL A 449 -10.67 16.52 -8.30
C VAL A 449 -9.50 16.01 -7.47
N LYS A 450 -9.42 16.47 -6.23
CA LYS A 450 -8.40 16.02 -5.30
C LYS A 450 -8.62 14.54 -4.97
N TYR A 451 -7.53 13.77 -5.00
CA TYR A 451 -7.57 12.33 -4.74
C TYR A 451 -8.59 11.58 -5.62
N PRO A 452 -8.39 11.59 -6.95
CA PRO A 452 -9.34 10.92 -7.84
C PRO A 452 -9.39 9.40 -7.59
N LEU A 453 -8.24 8.81 -7.33
CA LEU A 453 -8.18 7.36 -7.15
C LEU A 453 -8.76 6.94 -5.81
N ILE A 454 -8.25 7.52 -4.73
CA ILE A 454 -8.72 7.14 -3.40
C ILE A 454 -10.16 7.62 -3.19
N GLY A 455 -10.48 8.80 -3.71
CA GLY A 455 -11.84 9.28 -3.72
C GLY A 455 -12.82 8.32 -4.40
N ALA A 456 -12.36 7.67 -5.47
CA ALA A 456 -13.19 6.68 -6.16
C ALA A 456 -13.39 5.43 -5.29
N MET A 457 -12.35 5.05 -4.56
CA MET A 457 -12.43 3.91 -3.66
C MET A 457 -13.48 4.15 -2.57
N ARG A 458 -13.42 5.34 -1.97
CA ARG A 458 -14.37 5.73 -0.94
C ARG A 458 -15.78 5.79 -1.49
N GLU A 459 -15.90 6.25 -2.73
CA GLU A 459 -17.19 6.40 -3.37
C GLU A 459 -17.84 5.03 -3.59
N GLU A 460 -17.09 4.12 -4.19
CA GLU A 460 -17.61 2.80 -4.50
C GLU A 460 -17.86 1.98 -3.23
N LEU A 461 -16.97 2.08 -2.25
CA LEU A 461 -17.05 1.21 -1.07
C LEU A 461 -17.91 1.81 0.04
N ARG A 462 -17.86 3.12 0.21
CA ARG A 462 -18.55 3.74 1.35
C ARG A 462 -19.65 4.72 0.94
N GLY A 463 -19.91 4.82 -0.36
CA GLY A 463 -21.02 5.61 -0.86
C GLY A 463 -20.90 7.12 -0.69
N ILE A 464 -19.68 7.60 -0.55
CA ILE A 464 -19.46 9.03 -0.36
C ILE A 464 -18.98 9.68 -1.65
N SER A 465 -19.71 10.70 -2.10
CA SER A 465 -19.40 11.35 -3.38
C SER A 465 -18.11 12.15 -3.34
N ARG A 466 -17.39 12.20 -4.47
CA ARG A 466 -16.19 13.03 -4.58
C ARG A 466 -16.51 14.51 -4.82
N GLY A 467 -17.80 14.82 -4.99
CA GLY A 467 -18.22 16.18 -5.28
C GLY A 467 -19.18 16.22 -6.45
N LYS A 468 -19.85 17.37 -6.63
CA LYS A 468 -20.95 17.49 -7.58
C LYS A 468 -20.55 17.15 -9.02
N ASP A 469 -19.51 17.80 -9.53
CA ASP A 469 -19.11 17.57 -10.92
C ASP A 469 -17.79 16.83 -11.03
N ALA A 470 -17.55 15.91 -10.09
CA ALA A 470 -16.34 15.10 -10.12
C ALA A 470 -16.48 13.94 -11.10
N LYS A 471 -15.90 14.09 -12.29
CA LYS A 471 -15.98 13.05 -13.31
C LYS A 471 -14.61 12.40 -13.53
N ASP A 472 -14.61 11.08 -13.76
CA ASP A 472 -13.37 10.37 -14.08
C ASP A 472 -12.77 10.91 -15.38
N VAL A 473 -11.45 10.92 -15.45
CA VAL A 473 -10.78 11.21 -16.71
C VAL A 473 -10.93 10.02 -17.62
N ASP A 474 -11.50 10.25 -18.80
CA ASP A 474 -11.62 9.22 -19.82
C ASP A 474 -10.36 9.23 -20.67
N TRP A 475 -9.35 8.50 -20.23
CA TRP A 475 -8.05 8.53 -20.89
C TRP A 475 -8.12 8.03 -22.32
N ALA A 476 -9.13 7.19 -22.60
CA ALA A 476 -9.31 6.62 -23.93
C ALA A 476 -9.48 7.70 -24.99
N SER A 477 -10.17 8.77 -24.64
CA SER A 477 -10.38 9.87 -25.57
C SER A 477 -9.36 10.99 -25.37
N VAL A 478 -8.98 11.21 -24.11
CA VAL A 478 -8.06 12.29 -23.77
C VAL A 478 -6.66 12.06 -24.34
N ALA A 479 -6.16 10.85 -24.21
CA ALA A 479 -4.81 10.54 -24.65
C ALA A 479 -4.81 9.91 -26.04
N ALA A 480 -3.62 9.67 -26.57
CA ALA A 480 -3.46 9.01 -27.86
C ALA A 480 -3.77 7.51 -27.77
N SER A 481 -3.77 6.85 -28.92
CA SER A 481 -4.08 5.42 -28.98
C SER A 481 -3.15 4.67 -29.93
#